data_9KN8
#
_entry.id   9KN8
#
_cell.length_a   181.158
_cell.length_b   181.158
_cell.length_c   181.158
_cell.angle_alpha   90.00
_cell.angle_beta   90.00
_cell.angle_gamma   90.00
#
_symmetry.space_group_name_H-M   'F 4 3 2'
#
loop_
_entity.id
_entity.type
_entity.pdbx_description
1 polymer 'Ferritin light chain'
2 non-polymer 'CADMIUM ION'
3 non-polymer 'SULFATE ION'
4 non-polymer 'Coumarin 153'
5 non-polymer 1,2-ETHANEDIOL
6 non-polymer 'CHLORIDE ION'
7 water water
#
_entity_poly.entity_id   1
_entity_poly.type   'polypeptide(L)'
_entity_poly.pdbx_seq_one_letter_code
;SSQIRQNYSTEVEAAVNRLVNLYLRASYTYLSLGFYFDRDDVALEGVCHFFRFLAFFKFFGAFRLLKMQNQRGGRALFQD
LQKPSQDEWGTTLDAMKAAIVLEKSLNQALLDLHALGSAQADPHLCDFLESHFLDEEVKLIKKMGDHLTNIQRLVGSQAG
LGEYLFERLTLKHD
;
_entity_poly.pdbx_strand_id   A
#
# COMPACT_ATOMS: atom_id res chain seq x y z
N SER A 1 -8.65 26.04 -21.87
CA SER A 1 -8.44 24.91 -20.94
C SER A 1 -7.17 24.15 -21.36
N SER A 2 -7.08 22.89 -20.97
CA SER A 2 -5.84 22.14 -21.28
C SER A 2 -5.67 21.89 -22.78
N GLN A 3 -4.44 22.01 -23.24
CA GLN A 3 -4.16 21.77 -24.68
C GLN A 3 -4.03 20.27 -24.99
N ILE A 4 -3.90 19.43 -23.96
CA ILE A 4 -3.70 17.96 -24.23
C ILE A 4 -4.86 17.12 -23.69
N ARG A 5 -5.63 17.66 -22.77
CA ARG A 5 -6.66 16.83 -22.10
C ARG A 5 -7.70 16.28 -23.08
N GLN A 6 -7.93 14.97 -23.03
CA GLN A 6 -8.90 14.35 -23.96
C GLN A 6 -9.48 13.09 -23.31
N ASN A 7 -10.80 13.05 -23.20
CA ASN A 7 -11.49 11.86 -22.63
C ASN A 7 -11.09 11.66 -21.16
N TYR A 8 -10.76 12.75 -20.48
CA TYR A 8 -10.33 12.67 -19.05
C TYR A 8 -11.33 13.44 -18.17
N SER A 9 -12.20 12.70 -17.53
CA SER A 9 -13.26 13.29 -16.68
C SER A 9 -12.72 14.02 -15.44
N THR A 10 -13.50 15.01 -15.00
CA THR A 10 -13.19 15.70 -13.73
C THR A 10 -13.30 14.67 -12.60
N GLU A 11 -14.23 13.74 -12.75
CA GLU A 11 -14.47 12.74 -11.69
C GLU A 11 -13.21 11.87 -11.53
N VAL A 12 -12.67 11.41 -12.64
CA VAL A 12 -11.43 10.58 -12.60
C VAL A 12 -10.25 11.40 -12.06
N GLU A 13 -10.13 12.64 -12.54
CA GLU A 13 -9.02 13.51 -12.07
C GLU A 13 -9.08 13.62 -10.54
N ALA A 14 -10.26 13.87 -10.01
CA ALA A 14 -10.40 14.03 -8.54
C ALA A 14 -10.08 12.71 -7.84
N ALA A 15 -10.59 11.64 -8.44
CA ALA A 15 -10.39 10.32 -7.78
C ALA A 15 -8.90 9.95 -7.78
N VAL A 16 -8.21 10.31 -8.83
CA VAL A 16 -6.75 10.03 -8.89
C VAL A 16 -6.03 10.79 -7.77
N ASN A 17 -6.41 12.05 -7.57
CA ASN A 17 -5.78 12.85 -6.50
C ASN A 17 -6.08 12.21 -5.13
N ARG A 18 -7.32 11.77 -4.97
CA ARG A 18 -7.64 11.07 -3.67
C ARG A 18 -6.81 9.78 -3.48
N LEU A 19 -6.65 9.10 -4.61
CA LEU A 19 -5.88 7.82 -4.57
C LEU A 19 -4.40 8.10 -4.25
N VAL A 20 -3.89 9.20 -4.78
CA VAL A 20 -2.49 9.60 -4.44
C VAL A 20 -2.39 9.79 -2.93
N ASN A 21 -3.40 10.46 -2.39
CA ASN A 21 -3.39 10.70 -0.92
C ASN A 21 -3.39 9.34 -0.19
N LEU A 22 -4.24 8.45 -0.65
CA LEU A 22 -4.31 7.13 0.02
C LEU A 22 -2.94 6.41 -0.03
N TYR A 23 -2.26 6.49 -1.18
CA TYR A 23 -0.96 5.77 -1.32
C TYR A 23 0.09 6.43 -0.42
N LEU A 24 0.07 7.76 -0.39
CA LEU A 24 1.06 8.46 0.47
C LEU A 24 0.78 8.14 1.94
N ARG A 25 -0.50 8.09 2.30
CA ARG A 25 -0.86 7.70 3.69
C ARG A 25 -0.31 6.29 3.98
N ALA A 26 -0.49 5.37 3.02
CA ALA A 26 -0.02 3.99 3.20
C ALA A 26 1.51 3.97 3.36
N SER A 27 2.19 4.76 2.52
CA SER A 27 3.68 4.87 2.61
C SER A 27 4.06 5.33 4.02
N TYR A 28 3.38 6.38 4.49
CA TYR A 28 3.66 6.93 5.84
C TYR A 28 3.40 5.85 6.91
N THR A 29 2.31 5.10 6.73
CA THR A 29 1.99 4.02 7.69
C THR A 29 3.15 3.03 7.72
N TYR A 30 3.63 2.64 6.54
CA TYR A 30 4.72 1.63 6.46
C TYR A 30 6.04 2.21 7.02
N LEU A 31 6.22 3.52 6.85
CA LEU A 31 7.43 4.15 7.43
C LEU A 31 7.37 3.99 8.96
N SER A 32 6.18 4.26 9.53
CA SER A 32 6.02 4.14 11.00
C SER A 32 6.23 2.68 11.43
N LEU A 33 5.62 1.78 10.69
CA LEU A 33 5.77 0.32 11.01
C LEU A 33 7.25 -0.08 11.01
N GLY A 34 7.97 0.34 9.98
CA GLY A 34 9.40 0.00 9.89
C GLY A 34 10.19 0.49 11.10
N PHE A 35 9.95 1.75 11.45
CA PHE A 35 10.79 2.33 12.53
C PHE A 35 10.37 1.73 13.86
N TYR A 36 9.11 1.30 13.98
CA TYR A 36 8.71 0.64 15.24
C TYR A 36 9.53 -0.64 15.41
N PHE A 37 9.65 -1.41 14.33
CA PHE A 37 10.35 -2.72 14.44
C PHE A 37 11.87 -2.50 14.58
N ASP A 38 12.34 -1.30 14.28
CA ASP A 38 13.79 -0.94 14.41
C ASP A 38 14.08 -0.51 15.87
N ARG A 39 13.04 -0.39 16.67
CA ARG A 39 13.26 0.00 18.08
C ARG A 39 14.15 -1.04 18.78
N ASP A 40 14.98 -0.58 19.72
CA ASP A 40 15.85 -1.52 20.47
C ASP A 40 15.02 -2.49 21.31
N ASP A 41 13.79 -2.10 21.64
CA ASP A 41 12.90 -2.94 22.48
C ASP A 41 11.92 -3.76 21.62
N VAL A 42 12.12 -3.77 20.31
CA VAL A 42 11.28 -4.60 19.39
C VAL A 42 12.31 -5.42 18.59
N ALA A 43 13.19 -4.72 17.88
CA ALA A 43 14.40 -5.37 17.29
C ALA A 43 14.11 -6.58 16.41
N LEU A 44 13.31 -6.37 15.38
CA LEU A 44 13.03 -7.44 14.40
C LEU A 44 13.41 -6.85 13.03
N GLU A 45 14.68 -6.99 12.68
CA GLU A 45 15.23 -6.34 11.45
C GLU A 45 14.48 -6.76 10.18
N GLY A 46 14.20 -8.04 10.07
CA GLY A 46 13.50 -8.49 8.85
C GLY A 46 12.13 -7.83 8.72
N VAL A 47 11.48 -7.63 9.84
CA VAL A 47 10.12 -7.00 9.82
C VAL A 47 10.30 -5.51 9.49
N CYS A 48 11.31 -4.90 10.10
CA CYS A 48 11.64 -3.50 9.76
C CYS A 48 11.87 -3.38 8.25
N HIS A 49 12.70 -4.27 7.72
CA HIS A 49 13.03 -4.19 6.27
C HIS A 49 11.78 -4.42 5.41
N PHE A 50 10.93 -5.34 5.83
CA PHE A 50 9.72 -5.63 5.00
C PHE A 50 8.90 -4.34 4.86
N PHE A 51 8.62 -3.72 5.99
CA PHE A 51 7.71 -2.54 5.95
C PHE A 51 8.40 -1.31 5.35
N ARG A 52 9.69 -1.15 5.63
CA ARG A 52 10.42 -0.04 4.96
C ARG A 52 10.33 -0.09 3.40
N PHE A 53 10.52 -1.34 2.94
CA PHE A 53 10.42 -1.56 1.47
C PHE A 53 9.02 -1.17 0.97
N LEU A 54 7.99 -1.56 1.74
CA LEU A 54 6.62 -1.24 1.29
C LEU A 54 6.39 0.27 1.35
N ALA A 55 7.05 0.97 2.27
CA ALA A 55 6.91 2.43 2.31
C ALA A 55 7.34 2.99 0.94
N PHE A 56 8.48 2.50 0.47
CA PHE A 56 9.01 3.03 -0.82
C PHE A 56 8.08 2.61 -1.95
N PHE A 57 7.63 1.36 -1.90
CA PHE A 57 6.78 0.83 -2.99
C PHE A 57 5.50 1.67 -3.11
N LYS A 58 4.91 1.96 -1.97
CA LYS A 58 3.65 2.73 -1.99
C LYS A 58 3.93 4.17 -2.44
N PHE A 59 5.09 4.73 -2.05
CA PHE A 59 5.45 6.08 -2.56
C PHE A 59 5.53 6.04 -4.08
N PHE A 60 6.11 4.97 -4.60
CA PHE A 60 6.30 4.84 -6.08
C PHE A 60 4.94 4.76 -6.79
N GLY A 61 3.99 4.13 -6.13
CA GLY A 61 2.63 4.05 -6.69
C GLY A 61 2.03 5.44 -6.80
N ALA A 62 2.20 6.21 -5.71
CA ALA A 62 1.70 7.60 -5.75
C ALA A 62 2.39 8.39 -6.85
N PHE A 63 3.70 8.20 -6.97
CA PHE A 63 4.49 8.91 -8.00
C PHE A 63 3.94 8.59 -9.41
N ARG A 64 3.68 7.31 -9.62
CA ARG A 64 3.17 6.90 -10.96
CA ARG A 64 3.16 6.91 -10.96
C ARG A 64 1.79 7.56 -11.29
N LEU A 65 0.94 7.54 -10.25
CA LEU A 65 -0.39 8.17 -10.42
C LEU A 65 -0.23 9.65 -10.75
N LEU A 66 0.73 10.30 -10.08
CA LEU A 66 0.91 11.77 -10.28
C LEU A 66 1.45 12.02 -11.69
N LYS A 67 2.37 11.16 -12.12
CA LYS A 67 2.91 11.31 -13.49
C LYS A 67 1.76 11.12 -14.51
N MET A 68 0.91 10.16 -14.21
CA MET A 68 -0.20 9.83 -15.15
C MET A 68 -1.20 11.01 -15.17
N GLN A 69 -1.42 11.62 -14.02
CA GLN A 69 -2.35 12.77 -13.94
C GLN A 69 -1.84 13.81 -14.95
N ASN A 70 -0.55 14.06 -14.88
CA ASN A 70 0.01 15.13 -15.76
C ASN A 70 -0.03 14.66 -17.22
N GLN A 71 0.22 13.37 -17.41
CA GLN A 71 0.21 12.87 -18.82
C GLN A 71 -1.17 13.08 -19.48
N ARG A 72 -2.18 12.97 -18.63
CA ARG A 72 -3.59 13.09 -19.10
C ARG A 72 -4.11 14.55 -19.12
N GLY A 73 -3.35 15.48 -18.55
CA GLY A 73 -3.79 16.88 -18.60
C GLY A 73 -4.54 17.30 -17.36
N GLY A 74 -4.62 16.39 -16.39
CA GLY A 74 -5.24 16.73 -15.11
C GLY A 74 -4.29 17.53 -14.20
N ARG A 75 -4.82 18.01 -13.08
CA ARG A 75 -4.01 18.84 -12.19
C ARG A 75 -3.82 18.13 -10.85
N ALA A 76 -2.56 17.78 -10.56
CA ALA A 76 -2.24 17.16 -9.26
C ALA A 76 -2.58 18.15 -8.15
N LEU A 77 -3.34 17.69 -7.16
CA LEU A 77 -3.70 18.52 -6.01
C LEU A 77 -3.36 17.70 -4.78
N PHE A 78 -2.61 18.31 -3.90
CA PHE A 78 -2.18 17.59 -2.70
C PHE A 78 -3.02 18.03 -1.49
N GLN A 79 -3.26 17.07 -0.64
CA GLN A 79 -4.01 17.38 0.58
C GLN A 79 -3.17 17.02 1.79
N ASP A 80 -3.69 17.41 2.95
CA ASP A 80 -3.01 17.04 4.20
C ASP A 80 -2.89 15.52 4.24
N LEU A 81 -1.81 15.03 4.83
CA LEU A 81 -1.61 13.58 4.99
CA LEU A 81 -1.61 13.58 4.99
C LEU A 81 -1.82 13.16 6.46
N GLN A 82 -2.94 12.47 6.65
CA GLN A 82 -3.17 11.99 8.04
CA GLN A 82 -3.21 11.93 8.01
C GLN A 82 -2.06 11.03 8.54
N LYS A 83 -1.79 11.23 9.82
CA LYS A 83 -0.79 10.34 10.44
C LYS A 83 -1.34 8.92 10.50
N PRO A 84 -0.46 7.93 10.70
CA PRO A 84 -0.90 6.57 10.82
C PRO A 84 -1.88 6.29 11.99
N SER A 85 -2.58 5.17 11.88
CA SER A 85 -3.65 4.87 12.85
C SER A 85 -3.07 4.55 14.21
N GLN A 86 -1.83 4.11 14.25
CA GLN A 86 -1.20 3.71 15.53
CA GLN A 86 -1.19 3.74 15.53
C GLN A 86 0.26 4.29 15.69
N ASP A 87 0.61 4.53 16.96
CA ASP A 87 1.99 4.96 17.27
C ASP A 87 2.85 3.73 17.58
N GLU A 88 2.21 2.69 18.10
CA GLU A 88 2.87 1.40 18.43
C GLU A 88 2.08 0.30 17.72
N TRP A 89 2.77 -0.67 17.12
CA TRP A 89 2.07 -1.66 16.25
C TRP A 89 2.00 -3.09 16.81
N GLY A 90 2.35 -3.27 18.06
CA GLY A 90 2.23 -4.59 18.70
C GLY A 90 3.17 -5.65 18.15
N THR A 91 2.61 -6.83 17.96
CA THR A 91 3.41 -7.97 17.49
C THR A 91 3.56 -7.95 15.97
N THR A 92 4.43 -8.83 15.47
CA THR A 92 4.54 -8.97 14.00
C THR A 92 3.15 -9.34 13.48
N LEU A 93 2.45 -10.19 14.23
CA LEU A 93 1.12 -10.65 13.75
C LEU A 93 0.18 -9.44 13.67
N ASP A 94 0.20 -8.63 14.72
CA ASP A 94 -0.68 -7.45 14.73
C ASP A 94 -0.36 -6.58 13.52
N ALA A 95 0.92 -6.42 13.27
CA ALA A 95 1.35 -5.51 12.19
C ALA A 95 0.96 -6.06 10.82
N MET A 96 1.18 -7.37 10.64
CA MET A 96 0.86 -7.95 9.32
C MET A 96 -0.66 -7.93 9.11
N LYS A 97 -1.44 -8.09 10.20
CA LYS A 97 -2.91 -7.97 10.07
C LYS A 97 -3.27 -6.53 9.67
N ALA A 98 -2.62 -5.55 10.31
CA ALA A 98 -2.94 -4.14 9.98
C ALA A 98 -2.56 -3.89 8.52
N ALA A 99 -1.47 -4.50 8.08
CA ALA A 99 -0.97 -4.27 6.70
C ALA A 99 -1.97 -4.84 5.69
N ILE A 100 -2.48 -6.03 6.01
CA ILE A 100 -3.42 -6.65 5.02
CA ILE A 100 -3.45 -6.67 5.05
C ILE A 100 -4.76 -5.85 4.93
N VAL A 101 -5.13 -5.35 6.10
CA VAL A 101 -6.34 -4.46 6.14
C VAL A 101 -6.10 -3.22 5.27
N LEU A 102 -4.94 -2.61 5.42
CA LEU A 102 -4.59 -1.41 4.62
C LEU A 102 -4.57 -1.76 3.13
N GLU A 103 -3.91 -2.88 2.83
CA GLU A 103 -3.79 -3.25 1.41
C GLU A 103 -5.18 -3.53 0.79
N LYS A 104 -6.05 -4.18 1.55
CA LYS A 104 -7.41 -4.42 1.02
C LYS A 104 -8.13 -3.07 0.74
N SER A 105 -7.86 -2.10 1.61
CA SER A 105 -8.53 -0.79 1.40
C SER A 105 -8.00 -0.14 0.12
N LEU A 106 -6.69 -0.24 -0.08
CA LEU A 106 -6.11 0.35 -1.31
C LEU A 106 -6.66 -0.41 -2.54
N ASN A 107 -6.75 -1.72 -2.42
CA ASN A 107 -7.24 -2.54 -3.56
C ASN A 107 -8.68 -2.14 -3.92
N GLN A 108 -9.51 -1.98 -2.89
CA GLN A 108 -10.91 -1.58 -3.16
C GLN A 108 -10.92 -0.21 -3.84
N ALA A 109 -10.04 0.67 -3.39
CA ALA A 109 -9.95 2.01 -4.01
C ALA A 109 -9.53 1.88 -5.49
N LEU A 110 -8.61 0.97 -5.77
CA LEU A 110 -8.19 0.74 -7.18
C LEU A 110 -9.41 0.23 -7.97
N LEU A 111 -10.11 -0.71 -7.36
CA LEU A 111 -11.24 -1.33 -8.09
C LEU A 111 -12.33 -0.27 -8.32
N ASP A 112 -12.54 0.55 -7.30
CA ASP A 112 -13.54 1.62 -7.44
C ASP A 112 -13.16 2.56 -8.60
N LEU A 113 -11.88 2.94 -8.68
CA LEU A 113 -11.45 3.90 -9.74
C LEU A 113 -11.57 3.21 -11.10
N HIS A 114 -11.23 1.93 -11.13
CA HIS A 114 -11.35 1.18 -12.40
C HIS A 114 -12.81 1.20 -12.86
N ALA A 115 -13.71 0.99 -11.90
CA ALA A 115 -15.14 0.97 -12.25
C ALA A 115 -15.56 2.33 -12.78
N LEU A 116 -15.04 3.38 -12.15
CA LEU A 116 -15.41 4.75 -12.60
C LEU A 116 -14.89 4.96 -14.03
N GLY A 117 -13.66 4.54 -14.27
CA GLY A 117 -13.09 4.69 -15.62
C GLY A 117 -13.87 3.88 -16.63
N SER A 118 -14.28 2.68 -16.23
CA SER A 118 -15.13 1.89 -17.15
CA SER A 118 -15.13 1.89 -17.15
C SER A 118 -16.48 2.59 -17.47
N ALA A 119 -17.04 3.15 -16.42
CA ALA A 119 -18.34 3.87 -16.60
C ALA A 119 -18.14 5.11 -17.48
N GLN A 120 -16.98 5.73 -17.38
CA GLN A 120 -16.73 6.98 -18.14
C GLN A 120 -16.07 6.66 -19.49
N ALA A 121 -15.97 5.39 -19.85
CA ALA A 121 -15.38 5.02 -21.14
C ALA A 121 -14.00 5.65 -21.22
N ASP A 122 -13.19 5.38 -20.19
CA ASP A 122 -11.78 5.89 -20.14
C ASP A 122 -10.83 4.68 -20.13
N PRO A 123 -10.55 4.08 -21.30
CA PRO A 123 -9.74 2.87 -21.31
C PRO A 123 -8.27 3.08 -20.98
N HIS A 124 -7.77 4.29 -21.23
CA HIS A 124 -6.36 4.51 -20.84
C HIS A 124 -6.26 4.33 -19.32
N LEU A 125 -7.20 4.95 -18.61
CA LEU A 125 -7.16 4.85 -17.12
CA LEU A 125 -7.18 4.84 -17.12
C LEU A 125 -7.28 3.35 -16.67
N CYS A 126 -8.25 2.70 -17.32
CA CYS A 126 -8.48 1.29 -16.93
C CYS A 126 -7.21 0.47 -17.18
N ASP A 127 -6.60 0.66 -18.33
N ASP A 127 -6.59 0.66 -18.33
CA ASP A 127 -5.36 -0.10 -18.67
CA ASP A 127 -5.37 -0.12 -18.65
C ASP A 127 -4.22 0.30 -17.73
C ASP A 127 -4.23 0.30 -17.71
N PHE A 128 -4.15 1.59 -17.39
CA PHE A 128 -3.08 2.06 -16.49
C PHE A 128 -3.17 1.27 -15.18
N LEU A 129 -4.39 1.18 -14.66
CA LEU A 129 -4.54 0.48 -13.36
C LEU A 129 -4.23 -1.01 -13.51
N GLU A 130 -4.73 -1.56 -14.61
CA GLU A 130 -4.53 -3.01 -14.85
C GLU A 130 -3.05 -3.30 -14.97
N SER A 131 -2.35 -2.50 -15.76
CA SER A 131 -0.93 -2.78 -16.07
C SER A 131 0.02 -2.54 -14.90
N HIS A 132 -0.23 -1.51 -14.09
CA HIS A 132 0.75 -1.17 -13.04
C HIS A 132 0.27 -1.37 -11.59
N PHE A 133 -1.01 -1.68 -11.36
CA PHE A 133 -1.46 -1.69 -9.95
C PHE A 133 -2.26 -2.93 -9.55
N LEU A 134 -3.20 -3.36 -10.38
CA LEU A 134 -4.08 -4.46 -9.91
C LEU A 134 -3.30 -5.74 -9.56
N ASP A 135 -2.44 -6.17 -10.47
CA ASP A 135 -1.74 -7.46 -10.23
C ASP A 135 -0.69 -7.29 -9.12
N GLU A 136 -0.01 -6.15 -9.11
CA GLU A 136 0.96 -5.94 -8.02
C GLU A 136 0.23 -6.06 -6.66
N GLU A 137 -0.94 -5.45 -6.59
CA GLU A 137 -1.71 -5.46 -5.34
C GLU A 137 -2.12 -6.90 -5.03
N VAL A 138 -2.59 -7.62 -6.04
CA VAL A 138 -3.04 -9.00 -5.71
C VAL A 138 -1.83 -9.82 -5.22
N LYS A 139 -0.70 -9.64 -5.88
CA LYS A 139 0.52 -10.39 -5.50
C LYS A 139 0.96 -10.03 -4.06
N LEU A 140 0.86 -8.74 -3.74
CA LEU A 140 1.30 -8.32 -2.39
C LEU A 140 0.37 -8.88 -1.31
N ILE A 141 -0.94 -8.86 -1.58
CA ILE A 141 -1.91 -9.37 -0.57
C ILE A 141 -1.72 -10.88 -0.40
N LYS A 142 -1.44 -11.58 -1.50
CA LYS A 142 -1.16 -13.03 -1.39
C LYS A 142 0.07 -13.28 -0.49
N LYS A 143 1.11 -12.51 -0.72
CA LYS A 143 2.33 -12.66 0.10
C LYS A 143 2.05 -12.39 1.59
N MET A 144 1.29 -11.33 1.86
CA MET A 144 0.95 -11.04 3.27
C MET A 144 0.11 -12.18 3.87
N GLY A 145 -0.81 -12.72 3.07
CA GLY A 145 -1.64 -13.83 3.55
C GLY A 145 -0.74 -15.05 3.88
N ASP A 146 0.20 -15.31 2.99
CA ASP A 146 1.17 -16.38 3.25
C ASP A 146 1.88 -16.12 4.59
N HIS A 147 2.34 -14.88 4.77
CA HIS A 147 3.07 -14.56 6.02
C HIS A 147 2.15 -14.75 7.23
N LEU A 148 0.94 -14.21 7.14
CA LEU A 148 0.02 -14.31 8.29
CA LEU A 148 0.01 -14.33 8.29
C LEU A 148 -0.18 -15.81 8.73
N THR A 149 -0.25 -16.64 7.68
CA THR A 149 -0.48 -18.07 7.98
C THR A 149 0.75 -18.63 8.72
N ASN A 150 1.92 -18.26 8.24
CA ASN A 150 3.15 -18.81 8.87
C ASN A 150 3.34 -18.19 10.27
N ILE A 151 3.06 -16.90 10.39
CA ILE A 151 3.16 -16.28 11.75
C ILE A 151 2.18 -17.00 12.68
N GLN A 152 0.95 -17.21 12.23
CA GLN A 152 -0.10 -17.87 13.06
C GLN A 152 0.26 -19.32 13.50
N ARG A 153 0.82 -20.00 12.52
CA ARG A 153 1.32 -21.38 12.80
CA ARG A 153 1.30 -21.38 12.80
C ARG A 153 2.40 -21.43 13.89
N LEU A 154 3.11 -20.31 13.97
CA LEU A 154 4.26 -20.28 14.91
C LEU A 154 3.82 -19.81 16.30
N VAL A 155 2.65 -19.20 16.42
CA VAL A 155 2.25 -18.64 17.74
C VAL A 155 2.21 -19.76 18.77
N GLY A 156 1.34 -20.73 18.54
CA GLY A 156 1.35 -21.85 19.51
C GLY A 156 1.39 -21.34 20.96
N SER A 157 2.33 -21.84 21.77
CA SER A 157 2.46 -21.47 23.21
C SER A 157 3.84 -20.82 23.50
N GLN A 158 4.66 -20.61 22.47
CA GLN A 158 5.97 -19.94 22.68
C GLN A 158 6.02 -18.82 21.66
N ALA A 159 5.29 -17.74 21.91
CA ALA A 159 5.14 -16.67 20.90
C ALA A 159 6.48 -16.01 20.56
N GLY A 160 7.28 -15.72 21.58
CA GLY A 160 8.57 -15.05 21.32
C GLY A 160 9.46 -15.88 20.39
N LEU A 161 9.58 -17.17 20.69
CA LEU A 161 10.39 -18.09 19.84
C LEU A 161 9.88 -18.05 18.39
N GLY A 162 8.58 -18.16 18.23
CA GLY A 162 8.01 -18.14 16.88
C GLY A 162 8.23 -16.78 16.20
N GLU A 163 8.11 -15.72 16.98
CA GLU A 163 8.26 -14.39 16.34
C GLU A 163 9.70 -14.25 15.85
N TYR A 164 10.64 -14.69 16.67
CA TYR A 164 12.06 -14.63 16.25
C TYR A 164 12.33 -15.50 15.02
N LEU A 165 11.82 -16.73 15.07
CA LEU A 165 12.11 -17.66 13.98
C LEU A 165 11.55 -17.14 12.64
N PHE A 166 10.34 -16.60 12.69
CA PHE A 166 9.73 -16.07 11.44
C PHE A 166 10.62 -14.95 10.86
N GLU A 167 11.05 -14.06 11.75
CA GLU A 167 11.86 -12.93 11.26
C GLU A 167 13.18 -13.46 10.68
N ARG A 168 13.75 -14.45 11.36
CA ARG A 168 15.07 -14.93 10.95
C ARG A 168 15.01 -15.80 9.70
N LEU A 169 13.99 -16.64 9.59
CA LEU A 169 14.01 -17.67 8.51
C LEU A 169 13.09 -17.34 7.32
N THR A 170 12.12 -16.46 7.51
CA THR A 170 11.28 -16.09 6.35
C THR A 170 11.69 -14.71 5.83
N LEU A 171 11.78 -13.75 6.75
CA LEU A 171 11.97 -12.37 6.26
C LEU A 171 13.43 -12.10 5.92
N LYS A 172 13.66 -11.26 4.92
CA LYS A 172 15.03 -10.98 4.44
C LYS A 172 15.69 -10.02 5.42
N HIS A 173 16.90 -10.34 5.85
CA HIS A 173 17.64 -9.47 6.80
C HIS A 173 19.13 -9.56 6.47
N ASP A 174 19.95 -8.72 7.11
CA ASP A 174 21.39 -8.70 6.77
#